data_2XRI
#
_entry.id   2XRI
#
_cell.length_a   68.720
_cell.length_b   76.900
_cell.length_c   86.980
_cell.angle_alpha   90.00
_cell.angle_beta   90.00
_cell.angle_gamma   90.00
#
_symmetry.space_group_name_H-M   'I 2 2 2'
#
loop_
_entity.id
_entity.type
_entity.pdbx_description
1 polymer 'ERI1 EXORIBONUCLEASE 3'
2 non-polymer 'MAGNESIUM ION'
3 non-polymer GLYCEROL
4 water water
#
_entity_poly.entity_id   1
_entity_poly.type   'polypeptide(L)'
_entity_poly.pdbx_seq_one_letter_code
;MHHHHHHSSGVDLGTENLYFQSMSFPPQRYHYFLVLDFEATCDKPQIHPQEIIEFPILKLNGRTMEIESTFHMYVQPVVH
PQLTPFCTELTGIIQAMVDGQPSLQQVLERVDEWMAKEGLLDPNVKSIFVTCGDWDLKVMLPGQCQYLGLPVADYFKQWI
NLKKAYSFAMGCWPKNGLLDMNKGLSLQHIGRPHSGIDDCKNIANIMKTLAYRGFIFKQTSKPF
;
_entity_poly.pdbx_strand_id   A
#
loop_
_chem_comp.id
_chem_comp.type
_chem_comp.name
_chem_comp.formula
GOL non-polymer GLYCEROL 'C3 H8 O3'
MG non-polymer 'MAGNESIUM ION' 'Mg 2'
#
# COMPACT_ATOMS: atom_id res chain seq x y z
N ASN A 17 23.60 18.82 -6.96
CA ASN A 17 23.62 17.33 -6.62
C ASN A 17 24.39 16.99 -5.31
N LEU A 18 25.61 17.53 -5.16
CA LEU A 18 26.15 17.77 -3.81
C LEU A 18 25.15 18.61 -2.99
N TYR A 19 24.28 19.37 -3.66
CA TYR A 19 23.21 20.13 -2.99
C TYR A 19 22.45 19.31 -1.94
N PHE A 20 22.22 18.03 -2.22
CA PHE A 20 21.42 17.16 -1.38
C PHE A 20 22.21 16.29 -0.38
N GLN A 21 23.54 16.31 -0.46
CA GLN A 21 24.37 15.32 0.26
C GLN A 21 24.05 15.30 1.76
N SER A 22 23.88 16.46 2.38
CA SER A 22 23.51 16.56 3.81
C SER A 22 22.02 16.40 4.12
N MET A 23 21.18 16.67 3.13
CA MET A 23 19.75 16.73 3.33
C MET A 23 19.10 15.38 3.12
N SER A 24 19.67 14.60 2.22
CA SER A 24 19.04 13.36 1.81
C SER A 24 18.88 12.41 3.00
N PHE A 25 17.78 11.66 2.98
CA PHE A 25 17.48 10.68 4.00
C PHE A 25 17.64 11.23 5.38
N PRO A 26 16.79 12.20 5.74
CA PRO A 26 16.85 12.76 7.07
C PRO A 26 16.28 11.78 8.08
N PRO A 27 16.42 12.09 9.38
CA PRO A 27 15.74 11.28 10.35
C PRO A 27 14.21 11.36 10.14
N GLN A 28 13.55 10.22 10.17
CA GLN A 28 12.10 10.14 9.95
C GLN A 28 11.37 9.90 11.29
N ARG A 29 10.04 10.03 11.29
CA ARG A 29 9.25 9.86 12.52
C ARG A 29 8.89 8.40 12.83
N TYR A 30 9.24 7.48 11.93
CA TYR A 30 8.84 6.08 12.03
C TYR A 30 10.06 5.22 11.81
N HIS A 31 10.12 4.09 12.51
CA HIS A 31 11.16 3.10 12.29
C HIS A 31 10.99 2.41 10.94
N TYR A 32 9.72 2.18 10.56
CA TYR A 32 9.37 1.49 9.32
C TYR A 32 8.14 2.12 8.67
N PHE A 33 8.13 2.13 7.35
CA PHE A 33 6.93 2.45 6.56
C PHE A 33 6.41 1.20 5.91
N LEU A 34 5.10 0.99 6.00
CA LEU A 34 4.45 -0.22 5.53
C LEU A 34 3.59 0.13 4.33
N VAL A 35 4.13 -0.11 3.15
CA VAL A 35 3.49 0.26 1.91
C VAL A 35 2.45 -0.81 1.56
N LEU A 36 1.22 -0.38 1.30
CA LEU A 36 0.14 -1.30 1.01
C LEU A 36 -0.68 -0.75 -0.16
N ASP A 37 -1.05 -1.64 -1.06
CA ASP A 37 -1.94 -1.32 -2.18
C ASP A 37 -2.74 -2.56 -2.55
N PHE A 38 -4.05 -2.52 -2.33
CA PHE A 38 -4.93 -3.65 -2.72
C PHE A 38 -5.30 -3.68 -4.18
N GLU A 39 -5.57 -4.89 -4.66
CA GLU A 39 -6.48 -5.07 -5.79
C GLU A 39 -7.71 -5.78 -5.27
N ALA A 40 -8.81 -5.60 -5.95
CA ALA A 40 -10.11 -6.07 -5.49
C ALA A 40 -10.95 -6.53 -6.66
N THR A 41 -11.93 -7.38 -6.41
CA THR A 41 -12.95 -7.68 -7.40
C THR A 41 -13.58 -6.36 -7.83
N CYS A 42 -14.02 -6.33 -9.09
CA CYS A 42 -14.54 -5.13 -9.70
C CYS A 42 -15.12 -5.38 -11.09
N ASP A 43 -15.86 -4.38 -11.55
CA ASP A 43 -16.43 -4.35 -12.90
C ASP A 43 -16.71 -2.89 -13.29
N LYS A 44 -17.17 -2.68 -14.51
CA LYS A 44 -17.52 -1.33 -14.99
C LYS A 44 -18.84 -1.44 -15.70
N GLN A 46 -19.94 -1.83 -11.89
CA GLN A 46 -19.22 -2.18 -10.65
C GLN A 46 -20.05 -3.13 -9.79
N ILE A 47 -19.38 -4.09 -9.16
CA ILE A 47 -20.05 -5.18 -8.42
C ILE A 47 -19.83 -5.03 -6.91
N HIS A 48 -20.75 -5.60 -6.13
CA HIS A 48 -20.78 -5.39 -4.68
C HIS A 48 -21.17 -6.64 -3.94
N PRO A 49 -20.58 -6.86 -2.75
CA PRO A 49 -19.52 -6.06 -2.13
C PRO A 49 -18.21 -6.33 -2.85
N GLN A 50 -17.31 -5.35 -2.87
CA GLN A 50 -16.00 -5.56 -3.49
C GLN A 50 -15.17 -6.35 -2.50
N GLU A 51 -14.37 -7.28 -3.00
CA GLU A 51 -13.58 -8.15 -2.15
C GLU A 51 -12.11 -8.08 -2.49
N ILE A 52 -11.26 -7.86 -1.48
CA ILE A 52 -9.81 -7.85 -1.69
C ILE A 52 -9.36 -9.21 -2.25
N ILE A 53 -8.63 -9.12 -3.37
CA ILE A 53 -8.05 -10.26 -4.06
C ILE A 53 -6.50 -10.25 -4.09
N GLU A 54 -5.88 -9.13 -3.69
CA GLU A 54 -4.41 -9.07 -3.57
C GLU A 54 -4.05 -8.20 -2.39
N PHE A 55 -3.21 -8.75 -1.52
CA PHE A 55 -2.86 -8.13 -0.24
C PHE A 55 -1.34 -8.06 -0.11
N PRO A 56 -0.73 -6.99 -0.64
CA PRO A 56 0.70 -6.75 -0.45
C PRO A 56 1.05 -5.79 0.67
N ILE A 57 2.14 -6.08 1.38
CA ILE A 57 2.75 -5.07 2.27
C ILE A 57 4.26 -5.11 2.10
N LEU A 58 4.85 -3.92 1.93
CA LEU A 58 6.29 -3.77 1.89
C LEU A 58 6.73 -3.07 3.15
N LYS A 59 7.61 -3.72 3.91
CA LYS A 59 8.23 -3.11 5.08
C LYS A 59 9.49 -2.35 4.65
N LEU A 60 9.43 -1.02 4.72
CA LEU A 60 10.56 -0.18 4.35
C LEU A 60 11.29 0.29 5.59
N ASN A 61 12.61 0.16 5.56
CA ASN A 61 13.46 0.87 6.50
C ASN A 61 13.03 2.34 6.56
N GLY A 62 12.73 2.83 7.77
CA GLY A 62 12.24 4.19 7.95
C GLY A 62 13.22 5.28 7.55
N ARG A 63 14.52 4.97 7.57
CA ARG A 63 15.53 5.95 7.23
C ARG A 63 15.82 5.97 5.73
N THR A 64 16.09 4.80 5.16
CA THR A 64 16.58 4.67 3.78
C THR A 64 15.51 4.40 2.75
N MET A 65 14.36 3.94 3.22
CA MET A 65 13.24 3.57 2.38
C MET A 65 13.50 2.27 1.63
N GLU A 66 14.55 1.54 2.00
CA GLU A 66 14.80 0.27 1.34
C GLU A 66 13.83 -0.79 1.82
N ILE A 67 13.41 -1.66 0.90
CA ILE A 67 12.52 -2.76 1.22
C ILE A 67 13.29 -3.82 1.98
N GLU A 68 12.80 -4.17 3.18
CA GLU A 68 13.46 -5.12 4.04
C GLU A 68 12.66 -6.40 4.23
N SER A 69 11.37 -6.36 3.96
CA SER A 69 10.54 -7.54 4.06
C SER A 69 9.29 -7.34 3.21
N THR A 70 8.73 -8.44 2.74
CA THR A 70 7.60 -8.39 1.83
C THR A 70 6.55 -9.35 2.33
N PHE A 71 5.34 -8.85 2.51
CA PHE A 71 4.18 -9.71 2.67
C PHE A 71 3.41 -9.63 1.36
N HIS A 72 3.07 -10.79 0.78
CA HIS A 72 2.24 -10.82 -0.42
C HIS A 72 1.36 -12.06 -0.48
N MET A 73 0.06 -11.85 -0.44
CA MET A 73 -0.89 -12.93 -0.66
C MET A 73 -1.98 -12.51 -1.62
N TYR A 74 -2.35 -13.42 -2.52
CA TYR A 74 -3.62 -13.33 -3.23
C TYR A 74 -4.67 -13.95 -2.31
N VAL A 75 -5.89 -13.45 -2.44
CA VAL A 75 -6.99 -13.73 -1.52
C VAL A 75 -8.15 -14.27 -2.34
N GLN A 76 -8.80 -15.32 -1.85
CA GLN A 76 -9.97 -15.91 -2.55
C GLN A 76 -11.25 -15.15 -2.18
N PRO A 77 -11.84 -14.48 -3.18
CA PRO A 77 -13.11 -13.81 -2.93
C PRO A 77 -14.25 -14.82 -2.92
N VAL A 78 -15.28 -14.56 -2.10
CA VAL A 78 -16.37 -15.52 -1.83
C VAL A 78 -17.74 -15.10 -2.41
N VAL A 79 -18.12 -13.83 -2.25
CA VAL A 79 -19.41 -13.36 -2.75
C VAL A 79 -19.46 -13.37 -4.28
N HIS A 80 -18.43 -12.82 -4.93
CA HIS A 80 -18.28 -12.91 -6.40
C HIS A 80 -16.94 -13.59 -6.70
N PRO A 81 -16.92 -14.93 -6.66
CA PRO A 81 -15.66 -15.67 -6.68
C PRO A 81 -15.00 -15.71 -8.06
N GLN A 82 -15.78 -15.49 -9.11
CA GLN A 82 -15.26 -15.52 -10.46
C GLN A 82 -14.87 -14.12 -10.88
N LEU A 83 -13.56 -13.90 -11.04
CA LEU A 83 -13.05 -12.59 -11.40
C LEU A 83 -13.59 -12.23 -12.77
N THR A 84 -13.98 -10.98 -12.93
CA THR A 84 -14.56 -10.53 -14.18
C THR A 84 -13.47 -10.20 -15.19
N PRO A 85 -13.78 -10.33 -16.49
CA PRO A 85 -12.92 -9.88 -17.60
C PRO A 85 -12.35 -8.49 -17.37
N PHE A 86 -13.19 -7.57 -16.91
CA PHE A 86 -12.74 -6.24 -16.54
C PHE A 86 -11.67 -6.32 -15.42
N CYS A 87 -11.96 -7.15 -14.41
CA CYS A 87 -11.07 -7.28 -13.24
C CYS A 87 -9.72 -7.86 -13.63
N THR A 88 -9.75 -8.96 -14.38
CA THR A 88 -8.54 -9.62 -14.87
C THR A 88 -7.71 -8.73 -15.78
N GLU A 89 -8.36 -8.17 -16.80
CA GLU A 89 -7.71 -7.28 -17.77
C GLU A 89 -7.14 -6.02 -17.13
N LEU A 90 -7.79 -5.55 -16.07
CA LEU A 90 -7.29 -4.40 -15.32
C LEU A 90 -6.13 -4.78 -14.41
N THR A 91 -6.30 -5.84 -13.62
CA THR A 91 -5.34 -6.12 -12.54
C THR A 91 -4.21 -7.06 -12.97
N GLY A 92 -4.44 -7.86 -14.01
CA GLY A 92 -3.52 -8.93 -14.39
C GLY A 92 -3.80 -10.23 -13.63
N ILE A 93 -4.70 -10.17 -12.65
CA ILE A 93 -4.95 -11.32 -11.80
C ILE A 93 -5.95 -12.24 -12.48
N ILE A 94 -5.48 -13.42 -12.88
CA ILE A 94 -6.35 -14.46 -13.45
C ILE A 94 -6.97 -15.33 -12.36
N GLN A 95 -8.02 -16.06 -12.73
CA GLN A 95 -8.75 -16.90 -11.78
C GLN A 95 -7.84 -17.89 -11.07
N ALA A 96 -6.95 -18.53 -11.83
CA ALA A 96 -5.97 -19.47 -11.26
C ALA A 96 -5.16 -18.88 -10.11
N MET A 97 -4.99 -17.56 -10.10
CA MET A 97 -4.19 -16.89 -9.05
C MET A 97 -4.94 -16.73 -7.72
N VAL A 98 -6.28 -16.70 -7.75
CA VAL A 98 -7.06 -16.58 -6.51
C VAL A 98 -7.72 -17.89 -6.05
N ASP A 99 -7.66 -18.94 -6.88
CA ASP A 99 -8.50 -20.13 -6.69
C ASP A 99 -8.30 -20.95 -5.41
N GLY A 100 -7.09 -21.35 -5.07
CA GLY A 100 -6.96 -22.17 -3.86
C GLY A 100 -6.69 -21.37 -2.61
N GLN A 101 -6.85 -20.05 -2.69
CA GLN A 101 -6.19 -19.14 -1.76
C GLN A 101 -7.02 -18.96 -0.51
N PRO A 102 -6.37 -18.55 0.59
CA PRO A 102 -7.12 -18.26 1.81
C PRO A 102 -8.07 -17.06 1.67
N SER A 103 -9.04 -17.01 2.57
CA SER A 103 -10.03 -15.96 2.63
C SER A 103 -9.40 -14.74 3.25
N LEU A 104 -10.07 -13.60 3.19
CA LEU A 104 -9.51 -12.38 3.81
C LEU A 104 -9.25 -12.55 5.30
N GLN A 105 -10.15 -13.19 6.03
CA GLN A 105 -9.97 -13.40 7.47
C GLN A 105 -8.65 -14.13 7.75
N GLN A 106 -8.42 -15.21 7.01
CA GLN A 106 -7.18 -15.96 7.13
C GLN A 106 -5.97 -15.09 6.75
N VAL A 107 -6.09 -14.31 5.68
CA VAL A 107 -4.99 -13.45 5.23
C VAL A 107 -4.69 -12.38 6.29
N LEU A 108 -5.72 -11.85 6.92
CA LEU A 108 -5.55 -10.88 7.99
C LEU A 108 -4.82 -11.48 9.21
N GLU A 109 -5.13 -12.74 9.56
CA GLU A 109 -4.38 -13.44 10.62
C GLU A 109 -2.91 -13.60 10.22
N ARG A 110 -2.68 -13.94 8.96
CA ARG A 110 -1.33 -14.04 8.45
C ARG A 110 -0.59 -12.69 8.46
N VAL A 111 -1.28 -11.59 8.16
CA VAL A 111 -0.68 -10.27 8.26
C VAL A 111 -0.25 -10.02 9.71
N ASP A 112 -1.12 -10.37 10.64
CA ASP A 112 -0.84 -10.15 12.06
C ASP A 112 0.38 -10.95 12.54
N GLU A 113 0.49 -12.19 12.09
CA GLU A 113 1.66 -13.02 12.36
C GLU A 113 2.89 -12.41 11.75
N TRP A 114 2.77 -11.88 10.55
CA TRP A 114 3.88 -11.20 9.89
C TRP A 114 4.33 -9.93 10.66
N MET A 115 3.36 -9.12 11.10
CA MET A 115 3.65 -7.94 11.92
C MET A 115 4.42 -8.35 13.17
N ALA A 116 3.96 -9.43 13.81
CA ALA A 116 4.60 -9.96 15.01
C ALA A 116 6.03 -10.40 14.74
N LYS A 117 6.19 -11.28 13.75
CA LYS A 117 7.49 -11.78 13.33
C LYS A 117 8.47 -10.68 12.92
N GLU A 118 7.97 -9.61 12.30
CA GLU A 118 8.81 -8.49 11.87
C GLU A 118 9.10 -7.48 12.99
N GLY A 119 8.61 -7.75 14.20
CA GLY A 119 8.88 -6.88 15.35
C GLY A 119 8.04 -5.61 15.33
N LEU A 120 7.04 -5.57 14.45
CA LEU A 120 6.20 -4.38 14.27
C LEU A 120 5.10 -4.22 15.32
N LEU A 121 4.89 -5.22 16.16
CA LEU A 121 3.87 -5.14 17.22
C LEU A 121 4.46 -4.81 18.58
N ASP A 122 5.75 -4.50 18.65
CA ASP A 122 6.33 -4.00 19.90
C ASP A 122 5.96 -2.54 20.05
N PRO A 123 5.48 -2.13 21.25
CA PRO A 123 5.04 -0.74 21.44
C PRO A 123 6.12 0.32 21.15
N ASN A 124 7.39 -0.05 21.26
CA ASN A 124 8.50 0.86 21.03
C ASN A 124 8.85 1.03 19.55
N VAL A 125 8.43 0.07 18.74
CA VAL A 125 8.72 0.11 17.31
C VAL A 125 7.60 0.89 16.61
N LYS A 126 7.95 2.01 16.01
CA LYS A 126 6.95 2.88 15.38
C LYS A 126 6.88 2.65 13.88
N SER A 127 5.67 2.39 13.40
CA SER A 127 5.42 2.24 11.96
C SER A 127 4.07 2.81 11.55
N ILE A 128 3.91 2.97 10.26
CA ILE A 128 2.68 3.54 9.70
C ILE A 128 2.54 3.04 8.29
N PHE A 129 1.29 2.80 7.89
CA PHE A 129 0.99 2.39 6.53
C PHE A 129 1.07 3.56 5.59
N VAL A 130 1.46 3.27 4.36
CA VAL A 130 1.52 4.25 3.28
C VAL A 130 0.77 3.66 2.08
N THR A 131 -0.15 4.44 1.54
CA THR A 131 -1.03 4.04 0.45
C THR A 131 -1.07 5.15 -0.62
N CYS A 132 -1.36 4.78 -1.85
CA CYS A 132 -1.65 5.78 -2.88
C CYS A 132 -3.15 6.09 -2.85
N GLY A 133 -3.52 7.23 -2.28
CA GLY A 133 -4.92 7.58 -2.06
C GLY A 133 -5.37 7.09 -0.68
N ASP A 134 -6.61 7.40 -0.33
CA ASP A 134 -7.21 7.01 0.94
C ASP A 134 -8.17 5.80 0.85
N TRP A 135 -8.49 5.34 -0.37
CA TRP A 135 -9.56 4.36 -0.56
C TRP A 135 -9.34 3.08 0.22
N ASP A 136 -8.14 2.51 0.10
CA ASP A 136 -7.88 1.17 0.62
C ASP A 136 -8.10 1.03 2.14
N LEU A 137 -7.66 2.02 2.90
CA LEU A 137 -7.73 1.97 4.36
C LEU A 137 -8.87 2.78 4.93
N LYS A 138 -9.36 3.76 4.18
CA LYS A 138 -10.55 4.47 4.59
C LYS A 138 -11.82 3.73 4.25
N VAL A 139 -11.82 2.99 3.13
CA VAL A 139 -13.08 2.50 2.58
C VAL A 139 -13.07 1.01 2.40
N MET A 140 -12.09 0.50 1.66
CA MET A 140 -12.11 -0.88 1.23
C MET A 140 -11.98 -1.87 2.41
N LEU A 141 -10.85 -1.80 3.11
CA LEU A 141 -10.58 -2.72 4.23
C LEU A 141 -11.65 -2.65 5.34
N PRO A 142 -11.91 -1.46 5.92
CA PRO A 142 -12.92 -1.41 6.97
C PRO A 142 -14.33 -1.77 6.51
N GLY A 143 -14.62 -1.51 5.22
CA GLY A 143 -15.89 -1.84 4.66
C GLY A 143 -16.07 -3.33 4.59
N GLN A 144 -15.11 -4.01 3.98
CA GLN A 144 -15.21 -5.45 3.86
C GLN A 144 -15.18 -6.13 5.22
N CYS A 145 -14.30 -5.65 6.11
CA CYS A 145 -14.24 -6.17 7.48
C CYS A 145 -15.58 -6.03 8.19
N GLN A 146 -16.19 -4.86 8.11
CA GLN A 146 -17.51 -4.65 8.69
C GLN A 146 -18.53 -5.62 8.10
N TYR A 147 -18.50 -5.80 6.78
CA TYR A 147 -19.39 -6.77 6.10
C TYR A 147 -19.20 -8.18 6.65
N LEU A 148 -17.96 -8.54 6.95
CA LEU A 148 -17.61 -9.90 7.38
C LEU A 148 -17.72 -10.10 8.91
N GLY A 149 -18.01 -9.02 9.63
CA GLY A 149 -17.98 -9.05 11.08
C GLY A 149 -16.58 -9.18 11.67
N LEU A 150 -15.55 -8.77 10.93
CA LEU A 150 -14.18 -8.84 11.39
C LEU A 150 -13.72 -7.52 11.96
N PRO A 151 -12.99 -7.54 13.09
CA PRO A 151 -12.40 -6.29 13.56
C PRO A 151 -11.28 -5.83 12.65
N VAL A 152 -11.00 -4.53 12.67
CA VAL A 152 -9.89 -3.96 11.91
C VAL A 152 -8.78 -3.69 12.91
N ALA A 153 -7.64 -4.36 12.74
CA ALA A 153 -6.52 -4.15 13.66
C ALA A 153 -6.14 -2.66 13.73
N ASP A 154 -5.76 -2.21 14.92
CA ASP A 154 -5.45 -0.79 15.15
C ASP A 154 -4.36 -0.23 14.24
N TYR A 155 -3.39 -1.04 13.84
CA TYR A 155 -2.34 -0.56 12.94
C TYR A 155 -2.81 -0.17 11.53
N PHE A 156 -3.98 -0.62 11.10
CA PHE A 156 -4.57 -0.18 9.83
C PHE A 156 -5.30 1.17 9.90
N LYS A 157 -5.31 1.82 11.07
CA LYS A 157 -6.20 2.95 11.27
C LYS A 157 -5.49 4.28 11.18
N GLN A 158 -4.17 4.25 10.99
CA GLN A 158 -3.38 5.45 10.75
C GLN A 158 -2.59 5.17 9.49
N TRP A 159 -2.54 6.14 8.57
CA TRP A 159 -1.78 5.99 7.36
C TRP A 159 -1.37 7.34 6.75
N ILE A 160 -0.48 7.23 5.77
CA ILE A 160 -0.04 8.33 4.95
C ILE A 160 -0.52 8.11 3.52
N ASN A 161 -1.29 9.04 3.01
CA ASN A 161 -1.65 9.10 1.61
C ASN A 161 -0.48 9.75 0.83
N LEU A 162 0.21 8.94 0.03
CA LEU A 162 1.34 9.41 -0.76
C LEU A 162 0.98 10.57 -1.72
N LYS A 163 -0.24 10.56 -2.26
CA LYS A 163 -0.65 11.65 -3.16
C LYS A 163 -0.60 12.99 -2.42
N LYS A 164 -0.95 12.97 -1.12
CA LYS A 164 -0.94 14.17 -0.28
C LYS A 164 0.49 14.55 0.13
N ALA A 165 1.29 13.56 0.53
CA ALA A 165 2.72 13.79 0.81
C ALA A 165 3.39 14.47 -0.41
N TYR A 166 3.20 13.85 -1.57
CA TYR A 166 3.71 14.35 -2.84
C TYR A 166 3.25 15.78 -3.16
N SER A 167 1.97 16.07 -2.98
CA SER A 167 1.47 17.41 -3.28
C SER A 167 2.10 18.48 -2.37
N PHE A 168 2.36 18.12 -1.11
CA PHE A 168 3.10 18.99 -0.17
C PHE A 168 4.55 19.21 -0.64
N ALA A 169 5.24 18.13 -0.98
CA ALA A 169 6.62 18.19 -1.50
C ALA A 169 6.74 18.93 -2.85
N MET A 170 5.78 18.74 -3.74
CA MET A 170 5.91 19.22 -5.11
C MET A 170 5.01 20.41 -5.44
N GLY A 171 4.12 20.77 -4.52
CA GLY A 171 3.20 21.88 -4.71
C GLY A 171 2.21 21.62 -5.82
N CYS A 172 1.76 20.37 -5.90
CA CYS A 172 1.06 19.92 -7.09
C CYS A 172 0.38 18.57 -6.87
N TRP A 173 -0.93 18.52 -7.14
CA TRP A 173 -1.72 17.33 -6.93
C TRP A 173 -1.59 16.35 -8.11
N PRO A 174 -1.12 15.11 -7.84
CA PRO A 174 -1.04 14.11 -8.90
C PRO A 174 -2.39 13.43 -9.16
N LYS A 175 -3.21 14.02 -10.03
CA LYS A 175 -4.56 13.46 -10.28
C LYS A 175 -4.49 12.01 -10.78
N ASN A 176 -3.53 11.72 -11.66
CA ASN A 176 -3.39 10.37 -12.21
C ASN A 176 -2.54 9.43 -11.35
N GLY A 177 -2.39 9.75 -10.06
CA GLY A 177 -1.71 8.89 -9.08
C GLY A 177 -0.26 8.56 -9.35
N LEU A 178 0.10 7.28 -9.25
CA LEU A 178 1.47 6.82 -9.46
C LEU A 178 2.11 7.28 -10.78
N LEU A 179 1.32 7.29 -11.85
CA LEU A 179 1.83 7.65 -13.16
C LEU A 179 2.23 9.13 -13.22
N ASP A 180 1.44 9.99 -12.57
CA ASP A 180 1.77 11.41 -12.47
C ASP A 180 2.97 11.67 -11.55
N MET A 181 3.03 10.94 -10.44
CA MET A 181 4.14 11.09 -9.51
C MET A 181 5.46 10.62 -10.13
N ASN A 182 5.45 9.46 -10.78
CA ASN A 182 6.62 9.01 -11.53
C ASN A 182 7.06 10.04 -12.56
N LYS A 183 6.12 10.58 -13.34
CA LYS A 183 6.41 11.64 -14.34
C LYS A 183 7.12 12.83 -13.68
N GLY A 184 6.54 13.33 -12.59
CA GLY A 184 7.06 14.50 -11.94
C GLY A 184 8.45 14.34 -11.36
N LEU A 185 8.81 13.11 -10.97
CA LEU A 185 10.10 12.83 -10.36
C LEU A 185 11.08 12.19 -11.35
N SER A 186 10.72 12.14 -12.63
CA SER A 186 11.55 11.52 -13.67
C SER A 186 11.91 10.06 -13.37
N LEU A 187 10.95 9.29 -12.86
CA LEU A 187 11.17 7.88 -12.52
C LEU A 187 10.49 7.00 -13.55
N GLN A 188 11.18 5.92 -13.95
CA GLN A 188 10.58 4.91 -14.83
C GLN A 188 9.66 4.02 -14.02
N HIS A 189 8.49 3.72 -14.56
CA HIS A 189 7.50 2.92 -13.86
C HIS A 189 8.04 1.51 -13.58
N ILE A 190 7.90 1.08 -12.34
CA ILE A 190 8.31 -0.26 -11.94
C ILE A 190 7.17 -1.26 -12.22
N GLY A 191 7.46 -2.27 -13.04
CA GLY A 191 6.53 -3.37 -13.30
C GLY A 191 5.24 -2.98 -13.99
N ARG A 192 4.13 -3.52 -13.48
CA ARG A 192 2.84 -3.41 -14.13
C ARG A 192 1.86 -2.53 -13.35
N PRO A 193 1.33 -1.47 -13.99
CA PRO A 193 0.21 -0.71 -13.40
C PRO A 193 -1.01 -1.58 -13.03
N HIS A 194 -1.65 -1.25 -11.91
CA HIS A 194 -2.80 -2.00 -11.36
C HIS A 194 -2.47 -3.43 -10.92
N SER A 195 -1.20 -3.68 -10.62
CA SER A 195 -0.81 -4.84 -9.86
C SER A 195 -0.48 -4.30 -8.48
N GLY A 196 -1.06 -4.92 -7.45
CA GLY A 196 -0.88 -4.48 -6.07
C GLY A 196 0.58 -4.34 -5.68
N ILE A 197 1.34 -5.42 -5.83
CA ILE A 197 2.74 -5.47 -5.45
C ILE A 197 3.58 -4.45 -6.26
N ASP A 198 3.34 -4.36 -7.57
CA ASP A 198 4.11 -3.44 -8.40
C ASP A 198 3.79 -2.00 -8.06
N ASP A 199 2.52 -1.71 -7.78
CA ASP A 199 2.14 -0.39 -7.27
C ASP A 199 2.87 -0.09 -5.95
N CYS A 200 3.00 -1.10 -5.08
CA CYS A 200 3.74 -0.96 -3.82
C CYS A 200 5.20 -0.61 -4.09
N LYS A 201 5.83 -1.30 -5.04
CA LYS A 201 7.23 -1.01 -5.43
C LYS A 201 7.42 0.40 -5.96
N ASN A 202 6.41 0.90 -6.67
CA ASN A 202 6.40 2.27 -7.18
C ASN A 202 6.23 3.31 -6.05
N ILE A 203 5.34 3.03 -5.11
CA ILE A 203 5.16 3.87 -3.93
C ILE A 203 6.50 3.98 -3.19
N ALA A 204 7.15 2.84 -3.03
CA ALA A 204 8.44 2.75 -2.33
C ALA A 204 9.55 3.56 -3.03
N ASN A 205 9.60 3.46 -4.36
CA ASN A 205 10.52 4.24 -5.20
C ASN A 205 10.29 5.75 -5.14
N ILE A 206 9.03 6.15 -5.17
CA ILE A 206 8.66 7.56 -5.03
C ILE A 206 9.11 8.07 -3.63
N MET A 207 8.85 7.27 -2.59
CA MET A 207 9.22 7.66 -1.23
C MET A 207 10.74 7.86 -1.09
N LYS A 208 11.49 6.92 -1.62
CA LYS A 208 12.96 6.99 -1.71
C LYS A 208 13.42 8.31 -2.32
N THR A 209 12.83 8.69 -3.46
CA THR A 209 13.20 9.93 -4.15
C THR A 209 12.82 11.16 -3.32
N LEU A 210 11.66 11.15 -2.67
CA LEU A 210 11.25 12.30 -1.87
C LEU A 210 12.18 12.44 -0.65
N ALA A 211 12.46 11.30 -0.01
CA ALA A 211 13.42 11.22 1.10
C ALA A 211 14.82 11.70 0.69
N TYR A 212 15.26 11.35 -0.51
CA TYR A 212 16.53 11.86 -1.06
C TYR A 212 16.54 13.38 -1.16
N ARG A 213 15.38 13.96 -1.44
CA ARG A 213 15.20 15.41 -1.47
C ARG A 213 14.95 16.01 -0.08
N GLY A 214 14.94 15.19 0.97
CA GLY A 214 14.80 15.68 2.34
C GLY A 214 13.38 15.70 2.91
N PHE A 215 12.45 15.03 2.23
CA PHE A 215 11.07 15.00 2.70
C PHE A 215 10.89 14.15 3.95
N ILE A 216 10.23 14.72 4.96
CA ILE A 216 9.85 14.01 6.18
C ILE A 216 8.39 13.64 6.12
N PHE A 217 8.12 12.34 6.07
CA PHE A 217 6.77 11.81 5.97
C PHE A 217 5.98 11.96 7.26
N LYS A 218 4.70 12.33 7.12
CA LYS A 218 3.80 12.49 8.25
C LYS A 218 2.45 11.87 7.94
N GLN A 219 1.80 11.35 8.98
CA GLN A 219 0.40 10.91 8.88
C GLN A 219 -0.46 11.95 8.17
N THR A 220 -1.30 11.50 7.25
CA THR A 220 -2.28 12.37 6.61
C THR A 220 -3.70 12.00 7.03
N SER A 221 -3.84 10.74 7.43
CA SER A 221 -5.05 10.17 7.98
C SER A 221 -5.56 11.02 9.15
N LYS A 222 -6.85 11.36 9.15
CA LYS A 222 -7.47 12.08 10.27
C LYS A 222 -7.60 11.13 11.46
N PRO A 223 -7.13 11.55 12.66
CA PRO A 223 -7.06 10.63 13.82
C PRO A 223 -8.35 9.88 14.21
MG MG B . -3.18 -1.04 -7.20
C1 GOL C . -11.04 -2.33 -7.66
O1 GOL C . -12.03 -1.39 -7.98
C2 GOL C . -9.69 -1.82 -8.17
O2 GOL C . -9.88 -0.74 -9.04
C3 GOL C . -8.94 -2.90 -8.92
O3 GOL C . -8.22 -3.62 -7.96
#